data_9BP8
#
_entry.id   9BP8
#
_cell.length_a   100.321
_cell.length_b   100.321
_cell.length_c   69.015
_cell.angle_alpha   90.000
_cell.angle_beta   90.000
_cell.angle_gamma   120.000
#
_symmetry.space_group_name_H-M   'P 31 2 1'
#
loop_
_entity.id
_entity.type
_entity.pdbx_description
1 polymer 'Serine/threonine-protein kinase B-raf'
2 non-polymer N-{(1R,2P)-6-chloro-5-[(5-chloro-3-methyl-4-oxo-3,4-dihydroquinazolin-6-yl)amino]-4-fluorocyclohexa-2,3,5-trien-1-yl}-3-fluoroazetidine-1-sulfonamide
3 non-polymer 'DIMETHYL SULFOXIDE'
4 non-polymer 'SULFATE ION'
5 water water
#
_entity_poly.entity_id   1
_entity_poly.type   'polypeptide(L)'
_entity_poly.pdbx_seq_one_letter_code
;MGHHHHHHGLVPRGSDSSDDWEIPDGQITVGQRIGSGSFGTVYKGKWHGDVAVKMLNVTAPTPQQLQAFKNEVGVLRKTR
HVNILLFMGYSTKPQLAIVTQWCEGSSLYHHLHIIETKFEMIKLIDIARQTAQGMDYLHAKSIIHRDLKSNNIFLHEDLT
VKIGDFGLATVKSRWSGSHQFEQLSGSILWMAPEVIRMQDKNPYSFQSDVYAFGIVLYELMTGQLPYSNINNRDQIIAMV
GAGALSPDLSKVRSNCPKAMKRLMAECLKKKRDERPLFPQILASIELLARSLPK
;
_entity_poly.pdbx_strand_id   A
#
# COMPACT_ATOMS: atom_id res chain seq x y z
N ASP A 20 13.66 5.21 23.38
CA ASP A 20 14.15 4.59 22.14
C ASP A 20 13.19 3.53 21.63
N TRP A 21 13.25 3.22 20.34
CA TRP A 21 12.23 2.37 19.73
C TRP A 21 12.70 0.94 19.49
N GLU A 22 13.96 0.62 19.82
CA GLU A 22 14.35 -0.78 19.71
C GLU A 22 13.74 -1.59 20.86
N ILE A 23 13.13 -2.73 20.54
CA ILE A 23 12.57 -3.62 21.55
C ILE A 23 13.64 -4.66 21.89
N PRO A 24 14.07 -4.78 23.15
CA PRO A 24 15.13 -5.75 23.47
C PRO A 24 14.66 -7.17 23.23
N ASP A 25 15.57 -8.07 22.81
CA ASP A 25 15.17 -9.46 22.57
C ASP A 25 14.65 -10.07 23.87
N GLY A 26 13.78 -11.07 23.73
CA GLY A 26 13.17 -11.67 24.86
C GLY A 26 11.85 -11.07 25.26
N GLN A 27 11.51 -9.86 24.76
CA GLN A 27 10.27 -9.24 25.18
C GLN A 27 9.09 -9.60 24.28
N ILE A 28 9.31 -9.85 23.00
CA ILE A 28 8.19 -10.18 22.13
C ILE A 28 7.94 -11.68 22.14
N THR A 29 6.68 -12.08 22.30
CA THR A 29 6.31 -13.49 22.10
C THR A 29 5.67 -13.68 20.73
N VAL A 30 6.29 -14.53 19.88
CA VAL A 30 5.74 -14.74 18.53
C VAL A 30 4.59 -15.74 18.58
N GLY A 31 3.51 -15.47 17.80
CA GLY A 31 2.32 -16.31 17.67
C GLY A 31 2.06 -16.68 16.22
N GLN A 32 0.77 -16.66 15.86
CA GLN A 32 0.29 -17.15 14.56
C GLN A 32 1.05 -16.55 13.39
N ARG A 33 1.51 -17.40 12.44
CA ARG A 33 2.06 -16.88 11.18
C ARG A 33 0.92 -16.40 10.28
N ILE A 34 0.93 -15.10 9.92
CA ILE A 34 -0.17 -14.56 9.13
C ILE A 34 0.09 -14.75 7.65
N GLY A 35 1.34 -14.64 7.23
CA GLY A 35 1.62 -14.87 5.81
C GLY A 35 3.03 -14.43 5.51
N SER A 36 3.57 -15.00 4.43
CA SER A 36 4.95 -14.73 4.02
C SER A 36 4.85 -14.09 2.65
N GLY A 37 5.24 -12.83 2.53
CA GLY A 37 5.19 -12.15 1.25
C GLY A 37 6.56 -12.05 0.60
N SER A 38 6.67 -11.13 -0.37
N SER A 38 6.67 -11.12 -0.35
CA SER A 38 7.93 -10.95 -1.07
CA SER A 38 7.94 -10.94 -1.06
C SER A 38 9.06 -10.46 -0.17
C SER A 38 9.06 -10.48 -0.15
N PHE A 39 8.76 -9.68 0.87
CA PHE A 39 9.85 -9.11 1.65
C PHE A 39 9.92 -9.55 3.10
N GLY A 40 8.88 -10.12 3.65
CA GLY A 40 9.09 -10.60 5.00
C GLY A 40 7.92 -11.46 5.36
N THR A 41 7.89 -11.91 6.60
CA THR A 41 6.77 -12.72 7.08
C THR A 41 6.16 -12.02 8.28
N VAL A 42 4.84 -11.97 8.33
CA VAL A 42 4.13 -11.30 9.42
C VAL A 42 3.60 -12.37 10.36
N TYR A 43 3.82 -12.16 11.68
CA TYR A 43 3.28 -13.00 12.74
C TYR A 43 2.44 -12.14 13.67
N LYS A 44 1.34 -12.70 14.21
CA LYS A 44 0.76 -12.06 15.38
C LYS A 44 1.71 -12.26 16.57
N GLY A 45 1.77 -11.27 17.47
CA GLY A 45 2.73 -11.36 18.55
C GLY A 45 2.12 -10.75 19.82
N LYS A 46 2.87 -10.88 20.91
CA LYS A 46 2.48 -10.27 22.19
C LYS A 46 3.62 -9.38 22.62
N TRP A 47 3.30 -8.10 22.84
CA TRP A 47 4.28 -7.18 23.41
C TRP A 47 3.44 -6.01 23.91
N HIS A 48 3.21 -5.95 25.23
CA HIS A 48 2.20 -5.00 25.77
C HIS A 48 0.89 -5.16 25.04
N GLY A 49 0.45 -6.42 24.90
CA GLY A 49 -0.80 -6.72 24.24
C GLY A 49 -0.53 -7.26 22.84
N ASP A 50 -1.60 -7.40 22.08
CA ASP A 50 -1.43 -7.88 20.70
C ASP A 50 -0.62 -6.89 19.85
N VAL A 51 0.26 -7.41 18.99
CA VAL A 51 1.02 -6.61 18.02
C VAL A 51 1.16 -7.48 16.78
N ALA A 52 1.58 -6.83 15.69
CA ALA A 52 2.03 -7.54 14.49
C ALA A 52 3.54 -7.43 14.46
N VAL A 53 4.22 -8.50 14.09
CA VAL A 53 5.68 -8.50 13.99
C VAL A 53 6.03 -8.93 12.56
N LYS A 54 6.68 -8.05 11.79
CA LYS A 54 7.11 -8.39 10.43
C LYS A 54 8.59 -8.70 10.47
N MET A 55 8.94 -9.99 10.35
N MET A 55 8.95 -9.97 10.27
CA MET A 55 10.32 -10.42 10.25
CA MET A 55 10.34 -10.38 10.34
C MET A 55 10.79 -10.15 8.84
C MET A 55 10.91 -10.33 8.94
N LEU A 56 11.91 -9.44 8.70
CA LEU A 56 12.47 -9.21 7.39
C LEU A 56 13.15 -10.47 6.87
N ASN A 57 12.86 -10.75 5.65
CA ASN A 57 13.32 -11.89 4.85
C ASN A 57 14.76 -11.63 4.34
N VAL A 58 15.67 -11.05 5.14
CA VAL A 58 16.95 -10.60 4.61
C VAL A 58 18.13 -11.15 5.39
N THR A 59 19.27 -11.24 4.68
CA THR A 59 20.56 -11.64 5.23
C THR A 59 20.93 -10.72 6.39
N ALA A 60 21.70 -11.27 7.34
CA ALA A 60 22.13 -10.47 8.47
C ALA A 60 22.80 -9.20 7.95
N PRO A 61 22.44 -8.04 8.47
CA PRO A 61 22.94 -6.79 7.88
C PRO A 61 24.38 -6.56 8.29
N THR A 62 25.10 -5.82 7.44
CA THR A 62 26.37 -5.24 7.87
C THR A 62 26.14 -4.09 8.85
N PRO A 63 27.19 -3.63 9.54
CA PRO A 63 27.04 -2.39 10.34
C PRO A 63 26.48 -1.22 9.56
N GLN A 64 26.95 -1.04 8.33
CA GLN A 64 26.43 0.04 7.50
C GLN A 64 24.96 -0.19 7.17
N GLN A 65 24.58 -1.44 6.92
CA GLN A 65 23.19 -1.71 6.59
C GLN A 65 22.30 -1.55 7.81
N LEU A 66 22.83 -1.94 8.98
CA LEU A 66 22.07 -1.80 10.22
C LEU A 66 21.76 -0.34 10.45
N GLN A 67 22.74 0.54 10.23
CA GLN A 67 22.51 1.98 10.35
C GLN A 67 21.49 2.45 9.32
N ALA A 68 21.60 1.96 8.09
CA ALA A 68 20.62 2.32 7.07
C ALA A 68 19.21 1.92 7.51
N PHE A 69 19.07 0.73 8.08
CA PHE A 69 17.78 0.24 8.60
C PHE A 69 17.26 1.17 9.69
N LYS A 70 18.11 1.52 10.65
CA LYS A 70 17.68 2.46 11.70
C LYS A 70 17.29 3.82 11.11
N ASN A 71 17.98 4.27 10.05
CA ASN A 71 17.61 5.53 9.41
C ASN A 71 16.24 5.42 8.74
N GLU A 72 15.93 4.26 8.19
CA GLU A 72 14.62 4.15 7.59
C GLU A 72 13.55 4.08 8.66
N VAL A 73 13.89 3.56 9.83
CA VAL A 73 12.94 3.58 10.94
C VAL A 73 12.65 5.04 11.30
N GLY A 74 13.64 5.93 11.09
CA GLY A 74 13.38 7.38 11.21
C GLY A 74 12.20 7.87 10.40
N VAL A 75 12.02 7.37 9.16
CA VAL A 75 10.83 7.69 8.35
C VAL A 75 9.54 7.22 9.01
N LEU A 76 9.48 5.94 9.40
CA LEU A 76 8.31 5.39 10.09
C LEU A 76 7.92 6.29 11.25
N ARG A 77 8.93 6.71 12.02
CA ARG A 77 8.68 7.47 13.25
C ARG A 77 7.97 8.80 12.97
N LYS A 78 8.01 9.29 11.74
CA LYS A 78 7.34 10.56 11.38
C LYS A 78 5.84 10.42 11.32
N THR A 79 5.27 9.22 11.50
CA THR A 79 3.85 8.99 11.21
C THR A 79 3.09 8.78 12.50
N ARG A 80 2.12 9.67 12.73
CA ARG A 80 1.22 9.60 13.89
C ARG A 80 -0.16 10.03 13.39
N HIS A 81 -0.94 9.09 12.87
CA HIS A 81 -2.25 9.43 12.29
C HIS A 81 -3.10 8.18 12.32
N VAL A 82 -4.40 8.35 12.62
N VAL A 82 -4.40 8.37 12.55
CA VAL A 82 -5.29 7.18 12.77
CA VAL A 82 -5.25 7.21 12.76
C VAL A 82 -5.50 6.39 11.47
C VAL A 82 -5.29 6.34 11.50
N ASN A 83 -5.15 6.93 10.29
CA ASN A 83 -5.26 6.13 9.07
C ASN A 83 -3.90 5.58 8.62
N ILE A 84 -2.90 5.67 9.48
CA ILE A 84 -1.58 5.07 9.23
C ILE A 84 -1.36 3.98 10.27
N LEU A 85 -1.07 2.76 9.82
CA LEU A 85 -0.76 1.65 10.73
C LEU A 85 0.29 2.10 11.74
N LEU A 86 0.03 1.82 13.04
CA LEU A 86 0.85 2.41 14.11
C LEU A 86 2.18 1.67 14.28
N PHE A 87 3.27 2.33 13.91
CA PHE A 87 4.60 1.85 14.28
C PHE A 87 4.71 1.82 15.80
N MET A 88 5.22 0.70 16.35
CA MET A 88 5.46 0.54 17.79
C MET A 88 6.90 0.29 18.17
N GLY A 89 7.75 -0.23 17.28
CA GLY A 89 9.09 -0.53 17.72
C GLY A 89 9.77 -1.36 16.65
N TYR A 90 11.05 -1.64 16.86
CA TYR A 90 11.72 -2.56 15.92
C TYR A 90 12.61 -3.49 16.72
N SER A 91 12.96 -4.63 16.11
CA SER A 91 13.92 -5.56 16.68
C SER A 91 15.12 -5.68 15.76
N THR A 92 16.29 -5.99 16.36
CA THR A 92 17.46 -6.39 15.56
C THR A 92 18.01 -7.73 15.96
N LYS A 93 18.10 -8.03 17.26
CA LYS A 93 19.09 -9.03 17.68
C LYS A 93 18.57 -10.46 17.51
N PRO A 94 17.28 -10.70 17.66
CA PRO A 94 16.71 -11.91 17.04
C PRO A 94 16.99 -11.96 15.54
N GLN A 95 16.53 -10.92 14.85
CA GLN A 95 16.67 -10.68 13.42
C GLN A 95 15.88 -9.41 13.14
N LEU A 96 16.10 -8.79 11.98
CA LEU A 96 15.47 -7.47 11.80
C LEU A 96 13.95 -7.63 11.74
N ALA A 97 13.22 -6.72 12.41
CA ALA A 97 11.76 -6.87 12.40
C ALA A 97 11.15 -5.52 12.69
N ILE A 98 9.95 -5.28 12.15
CA ILE A 98 9.19 -4.08 12.49
C ILE A 98 7.94 -4.51 13.23
N VAL A 99 7.64 -3.83 14.36
CA VAL A 99 6.48 -4.16 15.18
C VAL A 99 5.43 -3.05 15.04
N THR A 100 4.19 -3.44 14.80
CA THR A 100 3.12 -2.44 14.69
C THR A 100 1.97 -2.86 15.59
N GLN A 101 0.97 -1.96 15.71
CA GLN A 101 -0.28 -2.47 16.24
C GLN A 101 -0.83 -3.68 15.47
N TRP A 102 -1.65 -4.49 16.15
CA TRP A 102 -2.43 -5.57 15.53
C TRP A 102 -3.79 -5.05 15.07
N CYS A 103 -4.10 -5.14 13.77
CA CYS A 103 -5.41 -4.71 13.28
C CYS A 103 -6.43 -5.82 13.47
N GLU A 104 -7.61 -5.48 13.96
CA GLU A 104 -8.67 -6.47 14.17
C GLU A 104 -9.49 -6.42 12.89
N GLY A 105 -9.31 -7.39 12.02
CA GLY A 105 -10.06 -7.41 10.78
C GLY A 105 -9.13 -7.88 9.68
N SER A 106 -9.50 -7.59 8.43
CA SER A 106 -8.77 -8.07 7.26
C SER A 106 -8.27 -6.92 6.41
N SER A 107 -7.36 -7.24 5.46
CA SER A 107 -6.93 -6.25 4.49
C SER A 107 -8.04 -6.02 3.47
N LEU A 108 -7.96 -4.90 2.77
N LEU A 108 -7.97 -4.90 2.78
CA LEU A 108 -8.96 -4.64 1.72
CA LEU A 108 -8.94 -4.62 1.72
C LEU A 108 -8.88 -5.69 0.61
C LEU A 108 -8.88 -5.68 0.63
N TYR A 109 -7.67 -6.16 0.30
CA TYR A 109 -7.51 -7.25 -0.69
C TYR A 109 -8.31 -8.47 -0.28
N HIS A 110 -8.17 -8.89 0.98
CA HIS A 110 -8.92 -10.03 1.49
C HIS A 110 -10.43 -9.80 1.39
N HIS A 111 -10.90 -8.61 1.79
CA HIS A 111 -12.32 -8.34 1.72
C HIS A 111 -12.83 -8.40 0.28
N LEU A 112 -12.12 -7.72 -0.63
CA LEU A 112 -12.64 -7.50 -1.97
C LEU A 112 -12.51 -8.75 -2.81
N HIS A 113 -11.40 -9.45 -2.68
CA HIS A 113 -11.05 -10.47 -3.67
C HIS A 113 -11.03 -11.88 -3.15
N ILE A 114 -11.03 -12.08 -1.85
CA ILE A 114 -10.98 -13.41 -1.25
C ILE A 114 -12.31 -13.80 -0.62
N ILE A 115 -12.78 -13.03 0.37
CA ILE A 115 -14.06 -13.36 0.98
C ILE A 115 -15.20 -12.57 0.35
N GLU A 116 -14.91 -11.69 -0.60
CA GLU A 116 -15.91 -10.98 -1.40
C GLU A 116 -16.98 -10.36 -0.51
N THR A 117 -16.53 -9.65 0.51
CA THR A 117 -17.40 -8.82 1.30
C THR A 117 -18.19 -7.87 0.39
N LYS A 118 -19.46 -7.70 0.68
CA LYS A 118 -20.30 -6.81 -0.12
C LYS A 118 -20.50 -5.54 0.69
N PHE A 119 -19.65 -4.55 0.42
CA PHE A 119 -19.79 -3.25 1.07
C PHE A 119 -20.86 -2.43 0.34
N GLU A 120 -21.67 -1.69 1.10
CA GLU A 120 -22.52 -0.67 0.48
C GLU A 120 -21.66 0.41 -0.14
N MET A 121 -22.20 1.09 -1.16
CA MET A 121 -21.46 2.21 -1.77
C MET A 121 -21.04 3.28 -0.78
N ILE A 122 -21.91 3.63 0.19
CA ILE A 122 -21.50 4.64 1.17
C ILE A 122 -20.24 4.18 1.92
N LYS A 123 -20.12 2.89 2.20
CA LYS A 123 -18.95 2.38 2.91
C LYS A 123 -17.74 2.32 1.98
N LEU A 124 -17.95 1.95 0.72
CA LEU A 124 -16.85 1.95 -0.26
C LEU A 124 -16.26 3.34 -0.37
N ILE A 125 -17.11 4.38 -0.41
CA ILE A 125 -16.62 5.73 -0.55
C ILE A 125 -15.92 6.14 0.73
N ASP A 126 -16.43 5.68 1.87
CA ASP A 126 -15.77 6.04 3.13
C ASP A 126 -14.39 5.40 3.23
N ILE A 127 -14.26 4.17 2.76
CA ILE A 127 -12.92 3.54 2.72
C ILE A 127 -11.99 4.31 1.79
N ALA A 128 -12.49 4.72 0.60
CA ALA A 128 -11.65 5.53 -0.28
C ALA A 128 -11.24 6.84 0.38
N ARG A 129 -12.19 7.47 1.08
CA ARG A 129 -11.93 8.76 1.76
C ARG A 129 -10.87 8.62 2.82
N GLN A 130 -11.00 7.58 3.67
CA GLN A 130 -9.99 7.37 4.71
C GLN A 130 -8.63 7.02 4.13
N THR A 131 -8.62 6.24 3.04
CA THR A 131 -7.34 5.93 2.40
C THR A 131 -6.70 7.20 1.85
N ALA A 132 -7.51 8.09 1.23
CA ALA A 132 -6.98 9.35 0.77
C ALA A 132 -6.51 10.18 1.95
N GLN A 133 -7.24 10.10 3.06
CA GLN A 133 -6.84 10.87 4.24
C GLN A 133 -5.47 10.44 4.74
N GLY A 134 -5.22 9.12 4.75
CA GLY A 134 -3.90 8.69 5.19
C GLY A 134 -2.83 9.05 4.19
N MET A 135 -3.14 8.96 2.90
CA MET A 135 -2.10 9.24 1.89
C MET A 135 -1.79 10.74 1.88
N ASP A 136 -2.81 11.58 2.11
CA ASP A 136 -2.60 13.02 2.19
C ASP A 136 -1.67 13.35 3.35
N TYR A 137 -1.85 12.64 4.47
CA TYR A 137 -0.98 12.81 5.61
C TYR A 137 0.44 12.40 5.28
N LEU A 138 0.61 11.22 4.65
CA LEU A 138 1.96 10.81 4.31
C LEU A 138 2.63 11.86 3.44
N HIS A 139 1.93 12.31 2.40
CA HIS A 139 2.55 13.25 1.49
C HIS A 139 2.82 14.56 2.18
N ALA A 140 1.97 14.92 3.16
CA ALA A 140 2.26 16.15 3.88
C ALA A 140 3.52 16.04 4.72
N LYS A 141 3.89 14.83 5.12
CA LYS A 141 5.13 14.56 5.84
C LYS A 141 6.27 14.23 4.86
N SER A 142 6.04 14.46 3.57
CA SER A 142 7.04 14.24 2.50
C SER A 142 7.44 12.77 2.40
N ILE A 143 6.53 11.84 2.68
CA ILE A 143 6.79 10.42 2.54
C ILE A 143 6.11 9.92 1.28
N ILE A 144 6.89 9.38 0.31
CA ILE A 144 6.31 8.65 -0.83
C ILE A 144 6.14 7.20 -0.38
N HIS A 145 4.96 6.66 -0.55
CA HIS A 145 4.64 5.34 -0.03
C HIS A 145 5.44 4.30 -0.79
N ARG A 146 5.32 4.34 -2.11
CA ARG A 146 6.04 3.49 -3.10
C ARG A 146 5.42 2.13 -3.32
N ASP A 147 4.50 1.66 -2.49
CA ASP A 147 3.93 0.33 -2.73
C ASP A 147 2.50 0.25 -2.19
N LEU A 148 1.69 1.29 -2.44
CA LEU A 148 0.31 1.26 -1.98
C LEU A 148 -0.46 0.21 -2.74
N LYS A 149 -1.15 -0.68 -2.02
CA LYS A 149 -1.99 -1.67 -2.68
C LYS A 149 -2.93 -2.26 -1.66
N SER A 150 -3.97 -2.93 -2.14
CA SER A 150 -5.03 -3.28 -1.23
C SER A 150 -4.61 -4.31 -0.20
N ASN A 151 -3.54 -5.10 -0.42
CA ASN A 151 -3.35 -6.03 0.67
C ASN A 151 -2.53 -5.42 1.80
N ASN A 152 -2.12 -4.15 1.69
CA ASN A 152 -1.53 -3.50 2.87
C ASN A 152 -2.33 -2.25 3.27
N ILE A 153 -3.63 -2.33 3.04
CA ILE A 153 -4.61 -1.41 3.60
C ILE A 153 -5.53 -2.25 4.47
N PHE A 154 -5.55 -1.99 5.79
CA PHE A 154 -6.30 -2.85 6.71
C PHE A 154 -7.56 -2.16 7.23
N LEU A 155 -8.66 -2.92 7.36
CA LEU A 155 -9.92 -2.32 7.86
C LEU A 155 -10.08 -2.69 9.33
N HIS A 156 -9.51 -1.85 10.22
CA HIS A 156 -9.48 -2.17 11.65
C HIS A 156 -10.85 -2.01 12.28
N GLU A 157 -11.28 -3.08 12.97
CA GLU A 157 -12.61 -3.15 13.65
C GLU A 157 -13.73 -2.92 12.64
N ASP A 158 -13.48 -3.31 11.39
CA ASP A 158 -14.37 -3.08 10.25
C ASP A 158 -14.71 -1.62 10.03
N LEU A 159 -13.94 -0.68 10.60
CA LEU A 159 -14.31 0.74 10.56
C LEU A 159 -13.21 1.66 10.07
N THR A 160 -11.99 1.48 10.54
CA THR A 160 -10.95 2.50 10.37
C THR A 160 -9.87 1.95 9.47
N VAL A 161 -9.60 2.66 8.39
CA VAL A 161 -8.55 2.26 7.43
C VAL A 161 -7.19 2.50 8.07
N LYS A 162 -6.29 1.52 7.94
CA LYS A 162 -4.90 1.74 8.35
C LYS A 162 -3.99 1.39 7.19
N ILE A 163 -3.20 2.32 6.76
CA ILE A 163 -2.28 2.08 5.63
C ILE A 163 -0.92 1.64 6.20
N GLY A 164 -0.40 0.53 5.65
CA GLY A 164 0.93 0.05 5.99
C GLY A 164 1.83 -0.25 4.78
N ASP A 165 3.00 -0.82 5.11
CA ASP A 165 3.98 -1.32 4.12
C ASP A 165 4.62 -0.21 3.30
N PHE A 166 4.83 0.97 3.91
CA PHE A 166 5.64 2.00 3.29
C PHE A 166 7.05 2.03 3.91
N GLY A 167 7.28 1.28 4.99
CA GLY A 167 8.57 1.33 5.64
C GLY A 167 9.64 0.63 4.83
N LEU A 168 10.90 1.02 5.07
CA LEU A 168 12.11 0.32 4.56
C LEU A 168 12.31 0.43 3.03
N ALA A 169 12.29 1.66 2.51
CA ALA A 169 12.34 1.87 1.06
C ALA A 169 13.66 1.43 0.43
N THR A 170 14.78 1.91 0.97
CA THR A 170 16.10 1.55 0.50
C THR A 170 16.40 0.09 0.83
N VAL A 171 15.94 -0.39 1.98
CA VAL A 171 16.18 -1.80 2.32
C VAL A 171 15.52 -2.67 1.27
N LYS A 172 14.27 -2.37 0.92
CA LYS A 172 13.55 -3.26 -0.01
C LYS A 172 14.08 -3.10 -1.41
N SER A 173 14.40 -1.89 -1.82
CA SER A 173 14.68 -1.72 -3.25
C SER A 173 16.16 -1.86 -3.62
N ARG A 174 17.09 -1.58 -2.68
CA ARG A 174 18.51 -1.44 -3.00
C ARG A 174 19.35 -2.61 -2.51
N TRP A 175 19.02 -3.22 -1.35
CA TRP A 175 19.92 -4.24 -0.82
C TRP A 175 19.95 -5.47 -1.72
N SER A 176 21.15 -6.01 -1.91
CA SER A 176 21.30 -7.25 -2.62
C SER A 176 20.51 -8.33 -1.90
N GLY A 177 19.76 -9.13 -2.66
CA GLY A 177 19.01 -10.24 -2.09
C GLY A 177 17.71 -9.87 -1.41
N SER A 178 17.17 -8.68 -1.67
CA SER A 178 15.90 -8.26 -1.06
C SER A 178 14.67 -8.70 -1.85
N HIS A 179 14.80 -9.71 -2.73
CA HIS A 179 13.67 -10.30 -3.46
C HIS A 179 12.96 -9.28 -4.36
N GLN A 180 13.75 -8.45 -5.07
CA GLN A 180 13.18 -7.42 -5.94
C GLN A 180 12.39 -8.03 -7.09
N PHE A 181 12.79 -9.18 -7.59
CA PHE A 181 12.00 -9.84 -8.63
C PHE A 181 10.61 -10.21 -8.14
N GLU A 182 10.54 -10.75 -6.90
CA GLU A 182 9.25 -11.15 -6.35
C GLU A 182 8.41 -9.94 -5.98
N GLN A 183 9.07 -8.88 -5.53
CA GLN A 183 8.36 -7.64 -5.24
C GLN A 183 7.68 -7.11 -6.47
N LEU A 184 8.38 -7.13 -7.63
CA LEU A 184 7.74 -6.67 -8.87
C LEU A 184 6.46 -7.46 -9.15
N SER A 185 6.52 -8.78 -9.04
N SER A 185 6.51 -8.78 -9.05
CA SER A 185 5.34 -9.59 -9.35
CA SER A 185 5.32 -9.56 -9.40
C SER A 185 4.17 -9.22 -8.45
C SER A 185 4.16 -9.26 -8.44
N GLY A 186 4.48 -8.91 -7.20
CA GLY A 186 3.44 -8.63 -6.23
C GLY A 186 2.88 -7.25 -6.31
N SER A 187 3.55 -6.33 -7.02
CA SER A 187 3.17 -4.92 -7.11
C SER A 187 2.69 -4.50 -8.48
N ILE A 188 2.91 -5.33 -9.51
CA ILE A 188 2.71 -4.86 -10.89
C ILE A 188 1.31 -4.23 -11.13
N LEU A 189 0.24 -4.81 -10.57
CA LEU A 189 -1.10 -4.31 -10.88
C LEU A 189 -1.31 -2.85 -10.46
N TRP A 190 -0.60 -2.39 -9.42
CA TRP A 190 -0.75 -1.04 -8.91
C TRP A 190 0.29 -0.08 -9.45
N MET A 191 1.17 -0.53 -10.37
CA MET A 191 2.38 0.21 -10.67
C MET A 191 2.21 1.16 -11.87
N ALA A 192 2.46 2.46 -11.63
CA ALA A 192 2.31 3.44 -12.71
C ALA A 192 3.25 3.09 -13.88
N PRO A 193 2.84 3.38 -15.12
CA PRO A 193 3.71 3.05 -16.27
C PRO A 193 5.11 3.55 -16.13
N GLU A 194 5.31 4.74 -15.52
CA GLU A 194 6.66 5.25 -15.42
C GLU A 194 7.50 4.55 -14.34
N VAL A 195 6.85 3.95 -13.35
CA VAL A 195 7.58 3.10 -12.40
C VAL A 195 7.93 1.76 -13.03
N ILE A 196 7.09 1.24 -13.93
CA ILE A 196 7.48 0.03 -14.66
C ILE A 196 8.74 0.33 -15.44
N ARG A 197 8.75 1.43 -16.21
CA ARG A 197 9.90 1.68 -17.10
C ARG A 197 11.13 2.15 -16.33
N MET A 198 10.97 3.00 -15.29
CA MET A 198 12.09 3.55 -14.51
C MET A 198 13.02 4.44 -15.38
N GLN A 199 12.49 5.01 -16.46
CA GLN A 199 13.29 5.78 -17.40
C GLN A 199 13.18 7.27 -17.15
N ASP A 200 12.03 7.75 -16.66
CA ASP A 200 11.83 9.17 -16.50
C ASP A 200 12.52 9.61 -15.22
N LYS A 201 12.67 10.91 -15.07
CA LYS A 201 13.30 11.46 -13.88
C LYS A 201 12.42 11.17 -12.66
N ASN A 202 13.05 10.70 -11.55
CA ASN A 202 12.37 10.39 -10.28
C ASN A 202 11.08 9.62 -10.54
N PRO A 203 11.21 8.33 -10.91
CA PRO A 203 10.02 7.54 -11.24
C PRO A 203 9.07 7.37 -10.09
N TYR A 204 9.56 7.26 -8.85
CA TYR A 204 8.69 7.22 -7.69
C TYR A 204 8.40 8.65 -7.25
N SER A 205 7.11 8.96 -7.12
CA SER A 205 6.69 10.34 -6.86
C SER A 205 5.36 10.31 -6.12
N PHE A 206 4.93 11.48 -5.58
CA PHE A 206 3.53 11.58 -5.16
C PHE A 206 2.61 11.10 -6.27
N GLN A 207 2.92 11.43 -7.54
CA GLN A 207 1.98 11.06 -8.60
C GLN A 207 1.96 9.55 -8.84
N SER A 208 3.09 8.85 -8.66
CA SER A 208 2.93 7.38 -8.81
C SER A 208 2.15 6.79 -7.64
N ASP A 209 2.18 7.38 -6.46
CA ASP A 209 1.28 6.92 -5.40
C ASP A 209 -0.17 7.18 -5.79
N VAL A 210 -0.42 8.32 -6.45
CA VAL A 210 -1.78 8.61 -6.89
C VAL A 210 -2.29 7.54 -7.86
N TYR A 211 -1.41 7.09 -8.76
CA TYR A 211 -1.84 6.06 -9.69
C TYR A 211 -2.20 4.77 -8.94
N ALA A 212 -1.36 4.36 -7.96
CA ALA A 212 -1.69 3.17 -7.21
C ALA A 212 -3.02 3.33 -6.49
N PHE A 213 -3.25 4.52 -5.94
CA PHE A 213 -4.54 4.81 -5.31
C PHE A 213 -5.68 4.71 -6.34
N GLY A 214 -5.47 5.17 -7.58
CA GLY A 214 -6.51 4.95 -8.59
C GLY A 214 -6.83 3.49 -8.82
N ILE A 215 -5.82 2.61 -8.71
CA ILE A 215 -6.09 1.18 -8.87
C ILE A 215 -6.86 0.66 -7.65
N VAL A 216 -6.56 1.17 -6.45
CA VAL A 216 -7.39 0.84 -5.28
C VAL A 216 -8.83 1.32 -5.48
N LEU A 217 -9.01 2.52 -6.06
CA LEU A 217 -10.37 2.97 -6.39
C LEU A 217 -11.04 2.02 -7.35
N TYR A 218 -10.30 1.56 -8.37
CA TYR A 218 -10.85 0.56 -9.28
C TYR A 218 -11.29 -0.71 -8.56
N GLU A 219 -10.46 -1.21 -7.62
CA GLU A 219 -10.83 -2.38 -6.85
C GLU A 219 -12.10 -2.14 -6.05
N LEU A 220 -12.18 -1.00 -5.36
CA LEU A 220 -13.38 -0.73 -4.57
C LEU A 220 -14.62 -0.64 -5.45
N MET A 221 -14.51 0.03 -6.60
CA MET A 221 -15.69 0.42 -7.36
C MET A 221 -16.12 -0.66 -8.36
N THR A 222 -15.23 -1.62 -8.68
CA THR A 222 -15.56 -2.79 -9.50
C THR A 222 -15.64 -4.08 -8.70
N GLY A 223 -15.01 -4.13 -7.53
CA GLY A 223 -14.86 -5.39 -6.86
C GLY A 223 -13.78 -6.31 -7.44
N GLN A 224 -13.06 -5.88 -8.49
CA GLN A 224 -12.11 -6.75 -9.20
C GLN A 224 -10.69 -6.16 -9.17
N LEU A 225 -9.73 -7.00 -9.47
CA LEU A 225 -8.40 -6.54 -9.81
C LEU A 225 -8.39 -6.09 -11.28
N PRO A 226 -7.59 -5.11 -11.63
CA PRO A 226 -7.55 -4.68 -13.04
C PRO A 226 -6.95 -5.81 -13.86
N TYR A 227 -7.33 -5.86 -15.15
CA TYR A 227 -6.73 -6.77 -16.14
C TYR A 227 -7.05 -8.24 -15.86
N SER A 228 -8.19 -8.52 -15.23
CA SER A 228 -8.44 -9.89 -14.80
C SER A 228 -8.76 -10.79 -16.01
N ASN A 229 -8.98 -10.21 -17.18
CA ASN A 229 -9.13 -10.97 -18.43
C ASN A 229 -7.82 -11.27 -19.14
N ILE A 230 -6.72 -10.73 -18.67
CA ILE A 230 -5.39 -10.98 -19.20
C ILE A 230 -4.70 -11.91 -18.20
N ASN A 231 -4.61 -13.19 -18.55
CA ASN A 231 -4.05 -14.19 -17.64
C ASN A 231 -2.56 -13.98 -17.33
N ASN A 232 -1.84 -13.26 -18.17
CA ASN A 232 -0.39 -13.37 -18.28
C ASN A 232 0.27 -12.09 -17.74
N ARG A 233 0.84 -12.16 -16.54
CA ARG A 233 1.45 -10.95 -15.97
C ARG A 233 2.56 -10.38 -16.87
N ASP A 234 3.01 -11.17 -17.83
CA ASP A 234 4.19 -10.75 -18.52
C ASP A 234 3.69 -9.82 -19.65
N GLN A 235 2.47 -10.06 -20.11
CA GLN A 235 1.83 -9.16 -21.06
C GLN A 235 1.37 -7.86 -20.35
N ILE A 236 0.91 -7.99 -19.10
CA ILE A 236 0.52 -6.80 -18.33
C ILE A 236 1.70 -5.85 -18.17
N ILE A 237 2.86 -6.36 -17.73
CA ILE A 237 3.99 -5.44 -17.51
C ILE A 237 4.42 -4.77 -18.82
N ALA A 238 4.47 -5.50 -19.92
CA ALA A 238 4.91 -4.90 -21.17
C ALA A 238 3.89 -3.91 -21.69
N MET A 239 2.60 -4.27 -21.62
N MET A 239 2.61 -4.28 -21.63
CA MET A 239 1.56 -3.43 -22.22
CA MET A 239 1.60 -3.40 -22.22
C MET A 239 1.28 -2.18 -21.38
C MET A 239 1.43 -2.15 -21.37
N VAL A 240 1.30 -2.31 -20.05
CA VAL A 240 1.14 -1.10 -19.25
C VAL A 240 2.37 -0.21 -19.37
N GLY A 241 3.58 -0.80 -19.34
CA GLY A 241 4.79 0.04 -19.47
C GLY A 241 4.91 0.77 -20.79
N ALA A 242 4.33 0.21 -21.86
CA ALA A 242 4.39 0.84 -23.18
C ALA A 242 3.30 1.87 -23.38
N GLY A 243 2.44 2.03 -22.37
CA GLY A 243 1.32 2.93 -22.50
C GLY A 243 0.14 2.39 -23.25
N ALA A 244 0.04 1.07 -23.47
CA ALA A 244 -0.98 0.46 -24.33
C ALA A 244 -2.04 -0.31 -23.56
N LEU A 245 -2.10 -0.18 -22.25
CA LEU A 245 -3.08 -0.92 -21.47
C LEU A 245 -3.36 -0.11 -20.22
N SER A 246 -4.63 -0.01 -19.89
CA SER A 246 -5.06 0.71 -18.71
C SER A 246 -6.34 0.06 -18.23
N PRO A 247 -6.75 0.28 -16.99
CA PRO A 247 -7.90 -0.46 -16.50
C PRO A 247 -9.15 -0.09 -17.27
N ASP A 248 -10.02 -1.08 -17.40
CA ASP A 248 -11.28 -0.93 -18.15
C ASP A 248 -12.36 -0.33 -17.25
N LEU A 249 -12.53 0.99 -17.34
CA LEU A 249 -13.45 1.67 -16.44
C LEU A 249 -14.90 1.33 -16.73
N SER A 250 -15.19 0.69 -17.87
CA SER A 250 -16.55 0.22 -18.08
C SER A 250 -16.96 -0.86 -17.07
N LYS A 251 -16.03 -1.39 -16.26
CA LYS A 251 -16.41 -2.37 -15.26
C LYS A 251 -16.92 -1.73 -13.97
N VAL A 252 -16.83 -0.41 -13.84
CA VAL A 252 -17.29 0.22 -12.62
C VAL A 252 -18.77 -0.10 -12.41
N ARG A 253 -19.14 -0.38 -11.15
CA ARG A 253 -20.51 -0.74 -10.81
C ARG A 253 -21.48 0.37 -11.24
N SER A 254 -22.75 -0.02 -11.45
CA SER A 254 -23.73 0.95 -11.94
C SER A 254 -23.97 2.06 -10.93
N ASN A 255 -23.88 1.75 -9.63
CA ASN A 255 -24.10 2.73 -8.58
C ASN A 255 -22.86 3.54 -8.20
N CYS A 256 -21.76 3.41 -8.93
CA CYS A 256 -20.63 4.26 -8.64
C CYS A 256 -20.93 5.67 -9.10
N PRO A 257 -20.80 6.68 -8.23
CA PRO A 257 -21.05 8.06 -8.70
C PRO A 257 -20.18 8.46 -9.89
N LYS A 258 -20.80 9.15 -10.85
CA LYS A 258 -20.04 9.66 -12.00
C LYS A 258 -18.79 10.42 -11.58
N ALA A 259 -18.91 11.24 -10.52
CA ALA A 259 -17.78 12.02 -10.08
C ALA A 259 -16.65 11.12 -9.58
N MET A 260 -16.99 9.96 -9.02
CA MET A 260 -15.93 9.03 -8.60
C MET A 260 -15.29 8.39 -9.83
N LYS A 261 -16.09 8.06 -10.85
CA LYS A 261 -15.49 7.51 -12.08
C LYS A 261 -14.58 8.52 -12.72
N ARG A 262 -15.00 9.78 -12.74
CA ARG A 262 -14.15 10.82 -13.31
C ARG A 262 -12.84 10.93 -12.52
N LEU A 263 -12.94 10.89 -11.20
CA LEU A 263 -11.75 11.01 -10.35
C LEU A 263 -10.79 9.84 -10.59
N MET A 264 -11.31 8.61 -10.61
N MET A 264 -11.32 8.61 -10.63
CA MET A 264 -10.50 7.42 -10.92
CA MET A 264 -10.54 7.42 -10.97
C MET A 264 -9.75 7.55 -12.25
C MET A 264 -9.74 7.61 -12.24
N ALA A 265 -10.42 8.02 -13.32
CA ALA A 265 -9.75 8.24 -14.60
C ALA A 265 -8.62 9.25 -14.47
N GLU A 266 -8.81 10.30 -13.65
CA GLU A 266 -7.76 11.29 -13.49
C GLU A 266 -6.54 10.68 -12.77
N CYS A 267 -6.79 9.90 -11.75
CA CYS A 267 -5.66 9.33 -10.97
C CYS A 267 -4.87 8.36 -11.83
N LEU A 268 -5.55 7.75 -12.79
CA LEU A 268 -4.96 6.71 -13.65
C LEU A 268 -4.32 7.26 -14.91
N LYS A 269 -4.23 8.57 -15.09
CA LYS A 269 -3.70 9.14 -16.32
C LYS A 269 -2.29 8.62 -16.60
N LYS A 270 -2.02 8.26 -17.85
CA LYS A 270 -0.68 7.77 -18.17
C LYS A 270 0.37 8.84 -17.92
N LYS A 271 0.09 10.07 -18.32
CA LYS A 271 1.01 11.17 -18.08
C LYS A 271 0.88 11.61 -16.63
N ARG A 272 1.95 11.42 -15.85
CA ARG A 272 1.87 11.64 -14.41
C ARG A 272 1.55 13.09 -14.06
N ASP A 273 2.02 14.05 -14.87
N ASP A 273 2.00 14.06 -14.86
CA ASP A 273 1.77 15.46 -14.57
CA ASP A 273 1.73 15.45 -14.48
C ASP A 273 0.29 15.82 -14.64
C ASP A 273 0.25 15.80 -14.56
N GLU A 274 -0.55 14.98 -15.25
CA GLU A 274 -1.98 15.19 -15.35
C GLU A 274 -2.76 14.62 -14.17
N ARG A 275 -2.08 13.87 -13.26
CA ARG A 275 -2.85 13.29 -12.15
C ARG A 275 -3.01 14.34 -11.06
N PRO A 276 -4.16 14.35 -10.37
CA PRO A 276 -4.32 15.24 -9.21
C PRO A 276 -3.49 14.76 -8.04
N LEU A 277 -3.23 15.65 -7.09
CA LEU A 277 -2.52 15.28 -5.86
C LEU A 277 -3.53 15.13 -4.72
N PHE A 278 -3.06 14.62 -3.54
CA PHE A 278 -4.10 14.14 -2.61
C PHE A 278 -4.97 15.22 -1.94
N PRO A 279 -4.52 16.45 -1.74
CA PRO A 279 -5.50 17.45 -1.24
C PRO A 279 -6.68 17.58 -2.16
N GLN A 280 -6.42 17.63 -3.49
CA GLN A 280 -7.52 17.67 -4.45
C GLN A 280 -8.35 16.40 -4.43
N ILE A 281 -7.69 15.22 -4.39
CA ILE A 281 -8.42 13.95 -4.38
C ILE A 281 -9.34 13.88 -3.17
N LEU A 282 -8.78 14.20 -2.00
CA LEU A 282 -9.55 14.15 -0.77
C LEU A 282 -10.75 15.08 -0.86
N ALA A 283 -10.53 16.29 -1.35
CA ALA A 283 -11.66 17.21 -1.46
C ALA A 283 -12.75 16.70 -2.40
N SER A 284 -12.36 16.07 -3.54
CA SER A 284 -13.36 15.53 -4.46
C SER A 284 -14.15 14.41 -3.81
N ILE A 285 -13.47 13.55 -3.04
CA ILE A 285 -14.17 12.47 -2.41
C ILE A 285 -15.10 13.00 -1.31
N GLU A 286 -14.61 13.93 -0.50
CA GLU A 286 -15.48 14.49 0.54
C GLU A 286 -16.74 15.06 -0.09
N LEU A 287 -16.60 15.77 -1.22
CA LEU A 287 -17.76 16.37 -1.89
C LEU A 287 -18.71 15.31 -2.40
N LEU A 288 -18.21 14.30 -3.11
CA LEU A 288 -19.15 13.35 -3.65
C LEU A 288 -19.78 12.51 -2.53
N ALA A 289 -19.13 12.40 -1.37
CA ALA A 289 -19.70 11.66 -0.23
C ALA A 289 -20.91 12.38 0.37
N ARG A 290 -20.84 13.71 0.48
CA ARG A 290 -22.00 14.51 0.87
C ARG A 290 -23.14 14.44 -0.13
N SER A 291 -22.81 14.35 -1.42
CA SER A 291 -23.83 14.38 -2.46
C SER A 291 -24.50 13.04 -2.70
N LEU A 292 -24.27 12.04 -1.84
CA LEU A 292 -24.82 10.70 -2.07
C LEU A 292 -26.36 10.69 -1.88
#